data_6QV5
#
_entry.id   6QV5
#
_cell.length_a   116.427
_cell.length_b   116.427
_cell.length_c   119.248
_cell.angle_alpha   90.00
_cell.angle_beta   90.00
_cell.angle_gamma   120.00
#
_symmetry.space_group_name_H-M   'P 61 2 2'
#
loop_
_entity.id
_entity.type
_entity.pdbx_description
1 polymer 'CHAD domain'
2 non-polymer 'ZINC ION'
3 non-polymer 1,2-ETHANEDIOL
4 water water
#
_entity_poly.entity_id   1
_entity_poly.type   'polypeptide(L)'
_entity_poly.pdbx_seq_one_letter_code
;GAMLVRETGHAPFRAQALALDADAALSEAFPAILGNCLEHIQRNEVAVIEGHDPETLHQMRVGVRRLRSALKLFDAVAPC
PPALQDDISWLGTELGAARDWDVLLASTLPRIDGAPAGANGLLELNALVQKIAQAKRHAAAQALLSPRYTRLMLTLGAWM
LETAPLLDGSAAHFSRQIMQHLHKSLLKRAARMQDDDAASAHRTRIATKRGRYALEFFHGLYRSKSTRAYLKALAATQEE
LGRHNDLVVAGRLLQELAQQQPQAAEAVQFARGYLLAQQAMRPADLDAIRAGLHALRAPQLRH
;
_entity_poly.pdbx_strand_id   A
#
# COMPACT_ATOMS: atom_id res chain seq x y z
N GLY A 9 4.84 15.60 13.45
CA GLY A 9 4.07 16.84 13.49
C GLY A 9 4.39 17.77 12.36
N HIS A 10 3.35 18.18 11.59
CA HIS A 10 3.35 19.08 10.42
C HIS A 10 4.08 18.53 9.18
N ALA A 11 5.30 17.97 9.37
CA ALA A 11 6.11 17.42 8.27
C ALA A 11 5.87 15.91 8.03
N PRO A 12 5.70 15.48 6.75
CA PRO A 12 5.48 14.04 6.49
C PRO A 12 6.76 13.22 6.58
N PHE A 13 6.68 12.01 7.13
CA PHE A 13 7.83 11.11 7.28
C PHE A 13 7.79 9.96 6.28
N ARG A 14 8.78 9.91 5.39
CA ARG A 14 8.95 8.84 4.40
C ARG A 14 9.79 7.73 5.01
N ALA A 15 9.61 6.49 4.50
CA ALA A 15 10.33 5.30 4.97
C ALA A 15 11.85 5.51 4.85
N GLN A 16 12.56 5.38 5.98
CA GLN A 16 14.02 5.54 6.06
C GLN A 16 14.72 4.46 5.24
N ALA A 17 15.76 4.85 4.49
CA ALA A 17 16.56 3.95 3.65
C ALA A 17 17.29 2.93 4.53
N LEU A 18 16.92 1.64 4.38
CA LEU A 18 17.51 0.55 5.16
C LEU A 18 18.63 -0.14 4.40
N ALA A 19 19.88 0.14 4.79
CA ALA A 19 21.07 -0.43 4.18
C ALA A 19 21.68 -1.49 5.10
N LEU A 20 21.26 -2.75 4.91
CA LEU A 20 21.73 -3.89 5.68
C LEU A 20 23.09 -4.36 5.16
N ASP A 21 23.92 -4.91 6.06
CA ASP A 21 25.24 -5.45 5.70
C ASP A 21 25.05 -6.76 4.93
N ALA A 22 25.99 -7.07 4.02
CA ALA A 22 25.94 -8.29 3.20
C ALA A 22 26.06 -9.56 4.04
N ASP A 23 26.86 -9.49 5.13
CA ASP A 23 27.12 -10.59 6.06
C ASP A 23 26.16 -10.61 7.27
N ALA A 24 25.11 -9.78 7.26
CA ALA A 24 24.12 -9.69 8.34
C ALA A 24 23.24 -10.94 8.45
N ALA A 25 22.90 -11.32 9.69
CA ALA A 25 22.07 -12.49 10.00
C ALA A 25 20.58 -12.14 9.96
N LEU A 26 19.71 -13.18 9.89
CA LEU A 26 18.25 -13.05 9.88
C LEU A 26 17.77 -12.45 11.21
N SER A 27 18.48 -12.74 12.31
CA SER A 27 18.20 -12.23 13.66
C SER A 27 18.46 -10.71 13.76
N GLU A 28 19.18 -10.16 12.78
CA GLU A 28 19.54 -8.73 12.69
C GLU A 28 18.65 -8.00 11.68
N ALA A 29 18.32 -8.67 10.55
CA ALA A 29 17.48 -8.12 9.47
C ALA A 29 16.01 -7.98 9.88
N PHE A 30 15.42 -9.03 10.47
CA PHE A 30 14.02 -9.07 10.94
C PHE A 30 13.65 -7.88 11.85
N PRO A 31 14.39 -7.55 12.95
CA PRO A 31 13.99 -6.38 13.76
C PRO A 31 14.30 -5.04 13.08
N ALA A 32 15.26 -5.03 12.12
CA ALA A 32 15.63 -3.83 11.37
C ALA A 32 14.55 -3.50 10.34
N ILE A 33 13.99 -4.52 9.66
CA ILE A 33 12.93 -4.40 8.65
C ILE A 33 11.61 -3.99 9.32
N LEU A 34 11.19 -4.72 10.36
CA LEU A 34 9.94 -4.43 11.09
C LEU A 34 10.01 -3.11 11.88
N GLY A 35 11.19 -2.80 12.40
CA GLY A 35 11.47 -1.56 13.13
C GLY A 35 11.35 -0.34 12.22
N ASN A 36 11.78 -0.49 10.96
CA ASN A 36 11.72 0.53 9.91
C ASN A 36 10.24 0.79 9.54
N CYS A 37 9.43 -0.30 9.51
CA CYS A 37 8.00 -0.25 9.22
C CYS A 37 7.23 0.44 10.33
N LEU A 38 7.52 0.07 11.61
CA LEU A 38 6.88 0.65 12.79
C LEU A 38 7.23 2.13 12.95
N GLU A 39 8.48 2.53 12.61
CA GLU A 39 8.94 3.92 12.67
C GLU A 39 8.18 4.75 11.61
N HIS A 40 7.98 4.18 10.40
CA HIS A 40 7.27 4.81 9.29
C HIS A 40 5.80 5.12 9.66
N ILE A 41 5.19 4.27 10.49
CA ILE A 41 3.82 4.44 11.00
C ILE A 41 3.81 5.48 12.12
N GLN A 42 4.65 5.27 13.17
CA GLN A 42 4.76 6.11 14.37
CA GLN A 42 4.76 6.10 14.37
C GLN A 42 5.11 7.58 14.09
N ARG A 43 6.09 7.84 13.22
CA ARG A 43 6.54 9.21 12.93
C ARG A 43 5.51 10.07 12.17
N ASN A 44 4.36 9.47 11.77
CA ASN A 44 3.28 10.18 11.08
C ASN A 44 2.03 10.37 11.96
N GLU A 45 2.00 9.74 13.16
CA GLU A 45 0.91 9.77 14.16
C GLU A 45 0.31 11.15 14.43
N VAL A 46 1.13 12.08 14.96
CA VAL A 46 0.75 13.44 15.37
C VAL A 46 0.08 14.22 14.22
N ALA A 47 0.69 14.19 13.02
CA ALA A 47 0.20 14.88 11.83
C ALA A 47 -1.14 14.33 11.31
N VAL A 48 -1.39 13.02 11.49
CA VAL A 48 -2.65 12.39 11.06
C VAL A 48 -3.77 12.76 12.07
N ILE A 49 -3.43 12.83 13.37
CA ILE A 49 -4.37 13.18 14.44
C ILE A 49 -4.75 14.67 14.39
N GLU A 50 -3.75 15.57 14.41
CA GLU A 50 -3.93 17.02 14.47
C GLU A 50 -4.23 17.73 13.14
N GLY A 51 -3.66 17.24 12.04
CA GLY A 51 -3.84 17.88 10.73
C GLY A 51 -4.75 17.19 9.74
N HIS A 52 -4.78 17.74 8.50
CA HIS A 52 -5.58 17.24 7.38
C HIS A 52 -4.73 17.07 6.10
N ASP A 53 -3.38 17.09 6.25
CA ASP A 53 -2.41 16.92 5.17
C ASP A 53 -2.57 15.53 4.54
N PRO A 54 -2.81 15.44 3.21
CA PRO A 54 -2.99 14.11 2.59
C PRO A 54 -1.73 13.23 2.54
N GLU A 55 -0.54 13.85 2.40
CA GLU A 55 0.75 13.16 2.32
C GLU A 55 1.13 12.44 3.63
N THR A 56 0.85 13.07 4.79
CA THR A 56 1.12 12.51 6.12
C THR A 56 0.29 11.23 6.33
N LEU A 57 -0.99 11.26 5.91
CA LEU A 57 -1.92 10.13 5.96
C LEU A 57 -1.49 9.05 4.95
N HIS A 58 -1.05 9.48 3.74
CA HIS A 58 -0.56 8.59 2.68
C HIS A 58 0.66 7.81 3.17
N GLN A 59 1.64 8.50 3.78
CA GLN A 59 2.85 7.89 4.34
C GLN A 59 2.55 6.90 5.47
N MET A 60 1.55 7.21 6.32
CA MET A 60 1.17 6.34 7.43
C MET A 60 0.47 5.07 6.90
N ARG A 61 -0.38 5.22 5.88
CA ARG A 61 -1.11 4.11 5.22
C ARG A 61 -0.12 3.17 4.54
N VAL A 62 0.90 3.73 3.84
CA VAL A 62 1.97 2.99 3.15
C VAL A 62 2.78 2.20 4.19
N GLY A 63 3.05 2.82 5.34
CA GLY A 63 3.77 2.22 6.46
C GLY A 63 3.07 0.97 6.99
N VAL A 64 1.72 1.01 7.06
CA VAL A 64 0.88 -0.09 7.51
C VAL A 64 0.93 -1.23 6.47
N ARG A 65 0.85 -0.87 5.17
CA ARG A 65 0.94 -1.81 4.05
C ARG A 65 2.31 -2.51 4.01
N ARG A 66 3.41 -1.73 4.24
CA ARG A 66 4.79 -2.23 4.28
C ARG A 66 4.97 -3.21 5.43
N LEU A 67 4.34 -2.93 6.59
CA LEU A 67 4.38 -3.77 7.78
C LEU A 67 3.66 -5.10 7.52
N ARG A 68 2.46 -5.07 6.92
CA ARG A 68 1.66 -6.26 6.61
C ARG A 68 2.37 -7.18 5.61
N SER A 69 3.02 -6.60 4.58
CA SER A 69 3.78 -7.36 3.58
C SER A 69 5.04 -7.98 4.18
N ALA A 70 5.67 -7.28 5.15
CA ALA A 70 6.85 -7.75 5.87
C ALA A 70 6.48 -8.94 6.76
N LEU A 71 5.30 -8.89 7.40
CA LEU A 71 4.81 -9.98 8.25
C LEU A 71 4.40 -11.20 7.41
N LYS A 72 4.00 -10.98 6.14
CA LYS A 72 3.61 -12.02 5.20
C LYS A 72 4.82 -12.84 4.73
N LEU A 73 5.96 -12.18 4.45
CA LEU A 73 7.17 -12.86 4.02
C LEU A 73 7.89 -13.56 5.20
N PHE A 74 7.79 -12.97 6.41
CA PHE A 74 8.37 -13.53 7.64
C PHE A 74 7.45 -14.53 8.34
N ASP A 75 6.24 -14.80 7.78
CA ASP A 75 5.21 -15.69 8.34
C ASP A 75 5.69 -17.12 8.62
N ALA A 76 6.54 -17.68 7.74
CA ALA A 76 7.08 -19.04 7.89
C ALA A 76 8.07 -19.16 9.06
N VAL A 77 9.01 -18.19 9.17
CA VAL A 77 10.04 -18.19 10.22
C VAL A 77 9.51 -17.64 11.56
N ALA A 78 8.63 -16.63 11.51
CA ALA A 78 8.04 -15.97 12.67
C ALA A 78 6.55 -15.63 12.42
N PRO A 79 5.61 -16.54 12.77
CA PRO A 79 4.19 -16.23 12.55
C PRO A 79 3.64 -15.25 13.59
N CYS A 80 3.04 -14.15 13.10
CA CYS A 80 2.44 -13.09 13.91
C CYS A 80 1.17 -13.59 14.62
N PRO A 81 0.99 -13.34 15.94
CA PRO A 81 -0.23 -13.81 16.63
C PRO A 81 -1.53 -13.33 15.97
N PRO A 82 -2.59 -14.17 15.90
CA PRO A 82 -3.84 -13.76 15.23
C PRO A 82 -4.50 -12.50 15.77
N ALA A 83 -4.37 -12.24 17.10
CA ALA A 83 -4.92 -11.06 17.78
C ALA A 83 -4.29 -9.77 17.23
N LEU A 84 -2.96 -9.77 16.97
CA LEU A 84 -2.24 -8.62 16.41
C LEU A 84 -2.63 -8.38 14.95
N GLN A 85 -2.78 -9.47 14.18
CA GLN A 85 -3.17 -9.44 12.76
C GLN A 85 -4.57 -8.85 12.56
N ASP A 86 -5.48 -9.04 13.55
CA ASP A 86 -6.83 -8.48 13.54
C ASP A 86 -6.78 -6.96 13.75
N ASP A 87 -5.88 -6.50 14.65
CA ASP A 87 -5.69 -5.09 14.97
C ASP A 87 -4.97 -4.34 13.83
N ILE A 88 -4.07 -5.03 13.10
CA ILE A 88 -3.35 -4.48 11.94
C ILE A 88 -4.36 -4.26 10.81
N SER A 89 -5.29 -5.22 10.62
CA SER A 89 -6.37 -5.16 9.63
C SER A 89 -7.34 -4.03 9.96
N TRP A 90 -7.60 -3.79 11.25
CA TRP A 90 -8.45 -2.70 11.75
C TRP A 90 -7.80 -1.35 11.46
N LEU A 91 -6.49 -1.21 11.75
CA LEU A 91 -5.70 0.00 11.52
C LEU A 91 -5.60 0.32 10.02
N GLY A 92 -5.45 -0.72 9.20
CA GLY A 92 -5.38 -0.61 7.74
C GLY A 92 -6.68 -0.13 7.14
N THR A 93 -7.81 -0.60 7.69
CA THR A 93 -9.18 -0.24 7.28
C THR A 93 -9.50 1.21 7.67
N GLU A 94 -9.11 1.63 8.90
CA GLU A 94 -9.34 2.98 9.42
C GLU A 94 -8.59 4.05 8.62
N LEU A 95 -7.29 3.84 8.37
CA LEU A 95 -6.45 4.77 7.60
C LEU A 95 -6.76 4.67 6.10
N GLY A 96 -7.13 3.48 5.65
CA GLY A 96 -7.48 3.18 4.26
C GLY A 96 -8.73 3.90 3.79
N ALA A 97 -9.77 3.95 4.64
CA ALA A 97 -11.04 4.64 4.36
C ALA A 97 -10.80 6.15 4.22
N ALA A 98 -9.92 6.73 5.08
CA ALA A 98 -9.57 8.15 5.03
C ALA A 98 -8.73 8.46 3.79
N ARG A 99 -7.84 7.52 3.39
CA ARG A 99 -6.98 7.63 2.21
C ARG A 99 -7.82 7.56 0.92
N ASP A 100 -8.75 6.58 0.83
CA ASP A 100 -9.67 6.37 -0.30
C ASP A 100 -10.45 7.63 -0.66
N TRP A 101 -10.98 8.34 0.36
CA TRP A 101 -11.74 9.58 0.16
C TRP A 101 -10.85 10.76 -0.21
N ASP A 102 -9.58 10.74 0.22
CA ASP A 102 -8.61 11.79 -0.10
C ASP A 102 -8.12 11.68 -1.56
N VAL A 103 -7.99 10.44 -2.07
CA VAL A 103 -7.56 10.14 -3.45
C VAL A 103 -8.68 10.59 -4.40
N LEU A 104 -9.94 10.27 -4.07
CA LEU A 104 -11.15 10.64 -4.82
C LEU A 104 -11.25 12.17 -4.97
N LEU A 105 -10.99 12.91 -3.89
CA LEU A 105 -11.07 14.37 -3.86
C LEU A 105 -9.94 15.09 -4.63
N ALA A 106 -8.68 14.67 -4.42
CA ALA A 106 -7.49 15.32 -5.01
C ALA A 106 -7.04 14.78 -6.37
N SER A 107 -7.32 13.50 -6.70
CA SER A 107 -6.86 12.90 -7.95
C SER A 107 -7.95 12.43 -8.90
N THR A 108 -8.98 11.71 -8.41
CA THR A 108 -10.03 11.12 -9.25
C THR A 108 -11.09 12.13 -9.73
N LEU A 109 -11.62 13.00 -8.83
CA LEU A 109 -12.63 13.99 -9.22
C LEU A 109 -12.08 15.17 -10.06
N PRO A 110 -10.87 15.75 -9.80
CA PRO A 110 -10.42 16.88 -10.62
C PRO A 110 -10.20 16.62 -12.12
N ARG A 111 -10.00 15.35 -12.53
CA ARG A 111 -9.80 15.00 -13.95
C ARG A 111 -11.13 14.93 -14.74
N ILE A 112 -12.27 15.23 -14.07
CA ILE A 112 -13.60 15.28 -14.68
C ILE A 112 -13.88 16.75 -15.07
N ASP A 113 -14.05 17.01 -16.38
CA ASP A 113 -14.31 18.34 -16.93
C ASP A 113 -15.76 18.78 -16.75
N ALA A 119 -24.89 18.87 -15.32
CA ALA A 119 -23.45 18.81 -15.56
C ALA A 119 -22.66 19.77 -14.68
N ASN A 120 -23.26 20.96 -14.38
CA ASN A 120 -22.66 22.02 -13.57
C ASN A 120 -22.71 21.78 -12.04
N GLY A 121 -23.40 20.73 -11.61
CA GLY A 121 -23.56 20.39 -10.19
C GLY A 121 -22.43 19.63 -9.54
N LEU A 122 -21.23 19.65 -10.14
CA LEU A 122 -20.06 18.96 -9.59
C LEU A 122 -19.34 19.76 -8.49
N LEU A 123 -19.65 21.08 -8.38
CA LEU A 123 -19.09 21.98 -7.37
C LEU A 123 -19.61 21.65 -5.97
N GLU A 124 -20.92 21.34 -5.86
CA GLU A 124 -21.55 20.96 -4.60
C GLU A 124 -21.17 19.53 -4.19
N LEU A 125 -20.84 18.68 -5.18
CA LEU A 125 -20.39 17.30 -4.99
C LEU A 125 -18.98 17.31 -4.40
N ASN A 126 -18.10 18.21 -4.91
CA ASN A 126 -16.73 18.39 -4.45
C ASN A 126 -16.70 18.83 -2.99
N ALA A 127 -17.68 19.67 -2.58
CA ALA A 127 -17.85 20.16 -1.22
C ALA A 127 -18.33 19.03 -0.29
N LEU A 128 -19.20 18.13 -0.82
CA LEU A 128 -19.73 16.98 -0.08
C LEU A 128 -18.63 15.93 0.12
N VAL A 129 -17.83 15.64 -0.93
CA VAL A 129 -16.72 14.68 -0.89
C VAL A 129 -15.65 15.17 0.11
N GLN A 130 -15.36 16.50 0.11
CA GLN A 130 -14.41 17.15 1.02
C GLN A 130 -14.89 17.01 2.47
N LYS A 131 -16.21 17.11 2.70
CA LYS A 131 -16.85 16.98 4.00
C LYS A 131 -16.68 15.54 4.52
N ILE A 132 -16.85 14.53 3.64
CA ILE A 132 -16.70 13.11 3.98
C ILE A 132 -15.22 12.79 4.27
N ALA A 133 -14.30 13.27 3.41
CA ALA A 133 -12.85 13.07 3.55
C ALA A 133 -12.31 13.64 4.88
N GLN A 134 -12.79 14.84 5.27
CA GLN A 134 -12.41 15.48 6.53
C GLN A 134 -12.97 14.72 7.74
N ALA A 135 -14.19 14.16 7.61
CA ALA A 135 -14.85 13.37 8.64
C ALA A 135 -14.16 12.01 8.81
N LYS A 136 -13.70 11.40 7.69
CA LYS A 136 -12.97 10.13 7.69
C LYS A 136 -11.59 10.31 8.31
N ARG A 137 -11.00 11.52 8.17
CA ARG A 137 -9.71 11.89 8.76
C ARG A 137 -9.87 12.01 10.28
N HIS A 138 -11.01 12.58 10.74
CA HIS A 138 -11.34 12.72 12.16
C HIS A 138 -11.58 11.35 12.78
N ALA A 139 -12.23 10.44 12.03
CA ALA A 139 -12.51 9.07 12.44
C ALA A 139 -11.21 8.27 12.58
N ALA A 140 -10.24 8.51 11.67
CA ALA A 140 -8.93 7.87 11.67
C ALA A 140 -8.10 8.40 12.85
N ALA A 141 -8.23 9.71 13.16
CA ALA A 141 -7.56 10.38 14.28
C ALA A 141 -8.00 9.79 15.62
N GLN A 142 -9.30 9.48 15.76
CA GLN A 142 -9.90 8.88 16.96
C GLN A 142 -9.40 7.46 17.17
N ALA A 143 -9.20 6.70 16.07
CA ALA A 143 -8.70 5.33 16.07
C ALA A 143 -7.24 5.29 16.57
N LEU A 144 -6.47 6.36 16.29
CA LEU A 144 -5.06 6.45 16.72
C LEU A 144 -4.94 6.87 18.18
N LEU A 145 -5.91 7.68 18.68
CA LEU A 145 -5.95 8.14 20.07
C LEU A 145 -6.53 7.09 21.00
N SER A 146 -7.21 6.07 20.45
CA SER A 146 -7.81 4.97 21.20
C SER A 146 -6.74 4.04 21.79
N PRO A 147 -6.97 3.39 22.97
CA PRO A 147 -5.94 2.50 23.53
C PRO A 147 -5.63 1.28 22.66
N ARG A 148 -6.53 0.90 21.73
CA ARG A 148 -6.36 -0.22 20.81
C ARG A 148 -5.12 -0.05 19.92
N TYR A 149 -4.86 1.19 19.44
CA TYR A 149 -3.71 1.49 18.59
C TYR A 149 -2.38 1.43 19.35
N THR A 150 -2.28 2.16 20.47
CA THR A 150 -1.06 2.23 21.29
C THR A 150 -0.66 0.87 21.85
N ARG A 151 -1.65 0.02 22.21
CA ARG A 151 -1.39 -1.34 22.70
C ARG A 151 -0.82 -2.20 21.57
N LEU A 152 -1.36 -2.05 20.34
CA LEU A 152 -0.92 -2.78 19.15
C LEU A 152 0.55 -2.50 18.82
N MET A 153 0.95 -1.20 18.79
CA MET A 153 2.31 -0.76 18.49
C MET A 153 3.30 -1.27 19.53
N LEU A 154 2.88 -1.31 20.80
CA LEU A 154 3.67 -1.78 21.93
C LEU A 154 3.82 -3.31 21.89
N THR A 155 2.70 -4.04 21.66
CA THR A 155 2.69 -5.51 21.60
C THR A 155 3.46 -6.02 20.37
N LEU A 156 3.38 -5.32 19.22
CA LEU A 156 4.11 -5.67 18.00
C LEU A 156 5.62 -5.55 18.21
N GLY A 157 6.04 -4.44 18.83
CA GLY A 157 7.44 -4.15 19.15
C GLY A 157 8.03 -5.14 20.12
N ALA A 158 7.23 -5.54 21.14
CA ALA A 158 7.60 -6.52 22.17
C ALA A 158 7.76 -7.91 21.55
N TRP A 159 6.85 -8.29 20.63
CA TRP A 159 6.86 -9.56 19.92
C TRP A 159 8.06 -9.62 18.96
N MET A 160 8.33 -8.51 18.26
CA MET A 160 9.44 -8.35 17.31
C MET A 160 10.78 -8.65 17.97
N LEU A 161 11.05 -8.03 19.14
CA LEU A 161 12.29 -8.20 19.90
C LEU A 161 12.45 -9.58 20.54
N GLU A 162 11.31 -10.23 20.90
CA GLU A 162 11.32 -11.57 21.51
C GLU A 162 11.60 -12.66 20.47
N THR A 163 10.99 -12.56 19.28
CA THR A 163 11.14 -13.54 18.20
C THR A 163 12.46 -13.37 17.41
N ALA A 164 13.05 -12.15 17.41
CA ALA A 164 14.29 -11.83 16.69
C ALA A 164 15.49 -12.77 16.98
N PRO A 165 15.92 -13.06 18.25
CA PRO A 165 17.08 -13.96 18.43
C PRO A 165 16.80 -15.44 18.14
N LEU A 166 15.51 -15.82 18.01
CA LEU A 166 15.06 -17.20 17.75
C LEU A 166 15.20 -17.63 16.28
N LEU A 167 15.54 -16.69 15.38
CA LEU A 167 15.67 -16.96 13.95
C LEU A 167 17.07 -17.41 13.53
N ASP A 168 17.14 -18.47 12.71
CA ASP A 168 18.38 -19.07 12.22
C ASP A 168 18.76 -18.66 10.80
N GLY A 169 20.06 -18.75 10.51
CA GLY A 169 20.63 -18.44 9.20
C GLY A 169 20.87 -16.96 8.95
N SER A 170 21.54 -16.67 7.82
CA SER A 170 21.86 -15.31 7.37
C SER A 170 20.66 -14.66 6.67
N ALA A 171 20.73 -13.33 6.45
CA ALA A 171 19.68 -12.57 5.75
C ALA A 171 19.67 -12.90 4.26
N ALA A 172 20.87 -13.20 3.69
CA ALA A 172 21.06 -13.55 2.27
C ALA A 172 20.38 -14.86 1.90
N HIS A 173 20.41 -15.86 2.81
CA HIS A 173 19.79 -17.18 2.62
C HIS A 173 18.26 -17.06 2.62
N PHE A 174 17.70 -16.23 3.53
CA PHE A 174 16.27 -16.01 3.63
C PHE A 174 15.73 -15.18 2.47
N SER A 175 16.43 -14.06 2.13
CA SER A 175 16.04 -13.16 1.05
C SER A 175 16.00 -13.81 -0.32
N ARG A 176 16.97 -14.70 -0.65
CA ARG A 176 17.01 -15.38 -1.94
C ARG A 176 15.81 -16.31 -2.16
N GLN A 177 15.33 -16.97 -1.08
CA GLN A 177 14.18 -17.88 -1.12
C GLN A 177 12.88 -17.09 -1.35
N ILE A 178 12.74 -15.93 -0.69
CA ILE A 178 11.60 -15.02 -0.80
C ILE A 178 11.59 -14.32 -2.17
N MET A 179 12.75 -13.79 -2.61
CA MET A 179 12.92 -13.09 -3.89
C MET A 179 12.67 -14.01 -5.08
N GLN A 180 13.02 -15.31 -4.97
CA GLN A 180 12.79 -16.30 -6.03
C GLN A 180 11.29 -16.57 -6.14
N HIS A 181 10.59 -16.69 -4.99
CA HIS A 181 9.14 -16.93 -4.92
C HIS A 181 8.34 -15.72 -5.42
N LEU A 182 8.73 -14.50 -5.03
CA LEU A 182 8.03 -13.26 -5.43
C LEU A 182 8.21 -12.91 -6.91
N HIS A 183 9.39 -13.18 -7.49
CA HIS A 183 9.64 -12.94 -8.92
C HIS A 183 8.84 -13.96 -9.74
N LYS A 184 8.76 -15.21 -9.23
CA LYS A 184 8.01 -16.34 -9.80
C LYS A 184 6.51 -16.03 -9.74
N SER A 185 6.03 -15.48 -8.60
CA SER A 185 4.63 -15.11 -8.37
C SER A 185 4.21 -13.94 -9.27
N LEU A 186 5.06 -12.90 -9.39
CA LEU A 186 4.81 -11.71 -10.22
C LEU A 186 4.68 -12.08 -11.69
N LEU A 187 5.65 -12.83 -12.24
CA LEU A 187 5.68 -13.28 -13.63
C LEU A 187 4.51 -14.20 -13.98
N LYS A 188 4.12 -15.09 -13.05
CA LYS A 188 3.01 -16.02 -13.21
C LYS A 188 1.68 -15.26 -13.29
N ARG A 189 1.48 -14.29 -12.37
CA ARG A 189 0.28 -13.45 -12.30
C ARG A 189 0.16 -12.50 -13.49
N ALA A 190 1.31 -12.03 -14.02
CA ALA A 190 1.35 -11.14 -15.19
C ALA A 190 1.03 -11.90 -16.47
N ALA A 191 1.31 -13.23 -16.49
CA ALA A 191 1.04 -14.12 -17.62
C ALA A 191 -0.41 -14.63 -17.59
N ARG A 192 -0.92 -14.98 -16.39
CA ARG A 192 -2.29 -15.45 -16.16
C ARG A 192 -3.33 -14.33 -16.33
N MET A 193 -2.85 -13.07 -16.27
CA MET A 193 -3.60 -11.81 -16.41
C MET A 193 -4.37 -11.77 -17.74
N GLN A 194 -5.68 -11.48 -17.68
CA GLN A 194 -6.56 -11.40 -18.84
C GLN A 194 -7.34 -10.07 -18.85
N ASP A 195 -7.72 -9.60 -20.07
CA ASP A 195 -8.46 -8.35 -20.31
C ASP A 195 -9.82 -8.31 -19.62
N ASP A 196 -10.12 -7.15 -18.98
CA ASP A 196 -11.34 -6.83 -18.23
C ASP A 196 -11.62 -7.81 -17.06
N ASP A 197 -10.54 -8.32 -16.43
CA ASP A 197 -10.63 -9.23 -15.28
C ASP A 197 -10.07 -8.52 -14.05
N ALA A 198 -10.95 -8.22 -13.08
CA ALA A 198 -10.60 -7.51 -11.84
C ALA A 198 -9.71 -8.32 -10.90
N ALA A 199 -9.97 -9.64 -10.78
CA ALA A 199 -9.23 -10.56 -9.91
C ALA A 199 -7.76 -10.76 -10.32
N SER A 200 -7.50 -10.90 -11.64
CA SER A 200 -6.16 -11.10 -12.19
C SER A 200 -5.34 -9.80 -12.16
N ALA A 201 -5.97 -8.65 -12.46
CA ALA A 201 -5.31 -7.33 -12.45
C ALA A 201 -4.89 -6.90 -11.04
N HIS A 202 -5.74 -7.23 -10.03
CA HIS A 202 -5.49 -6.94 -8.61
C HIS A 202 -4.33 -7.79 -8.08
N ARG A 203 -4.28 -9.08 -8.49
CA ARG A 203 -3.23 -10.03 -8.10
C ARG A 203 -1.86 -9.59 -8.61
N THR A 204 -1.80 -9.04 -9.85
CA THR A 204 -0.57 -8.53 -10.47
C THR A 204 -0.09 -7.28 -9.73
N ARG A 205 -1.03 -6.34 -9.42
CA ARG A 205 -0.78 -5.08 -8.71
CA ARG A 205 -0.73 -5.09 -8.72
C ARG A 205 -0.19 -5.33 -7.31
N ILE A 206 -0.73 -6.32 -6.58
CA ILE A 206 -0.25 -6.64 -5.22
C ILE A 206 1.09 -7.38 -5.28
N ALA A 207 1.32 -8.20 -6.33
CA ALA A 207 2.59 -8.92 -6.55
C ALA A 207 3.70 -7.91 -6.85
N THR A 208 3.33 -6.79 -7.51
CA THR A 208 4.19 -5.67 -7.86
C THR A 208 4.57 -4.90 -6.58
N LYS A 209 3.60 -4.70 -5.66
CA LYS A 209 3.79 -4.00 -4.39
C LYS A 209 4.67 -4.84 -3.44
N ARG A 210 4.36 -6.16 -3.31
CA ARG A 210 5.10 -7.11 -2.47
C ARG A 210 6.56 -7.20 -2.90
N GLY A 211 6.80 -7.24 -4.22
CA GLY A 211 8.13 -7.31 -4.82
C GLY A 211 8.94 -6.04 -4.62
N ARG A 212 8.27 -4.87 -4.68
CA ARG A 212 8.88 -3.56 -4.48
C ARG A 212 9.31 -3.39 -3.02
N TYR A 213 8.43 -3.75 -2.06
CA TYR A 213 8.71 -3.64 -0.62
C TYR A 213 9.83 -4.57 -0.15
N ALA A 214 9.79 -5.86 -0.57
CA ALA A 214 10.81 -6.87 -0.22
C ALA A 214 12.19 -6.48 -0.70
N LEU A 215 12.29 -5.89 -1.90
CA LEU A 215 13.56 -5.44 -2.47
C LEU A 215 14.09 -4.19 -1.76
N GLU A 216 13.17 -3.37 -1.20
CA GLU A 216 13.53 -2.17 -0.43
C GLU A 216 14.00 -2.57 0.97
N PHE A 217 13.43 -3.67 1.52
CA PHE A 217 13.79 -4.21 2.84
C PHE A 217 15.20 -4.79 2.83
N PHE A 218 15.53 -5.60 1.81
CA PHE A 218 16.83 -6.24 1.63
C PHE A 218 17.66 -5.48 0.57
N HIS A 219 17.65 -4.14 0.64
CA HIS A 219 18.31 -3.21 -0.28
C HIS A 219 19.83 -3.39 -0.39
N GLY A 220 20.53 -3.43 0.75
CA GLY A 220 21.98 -3.58 0.80
C GLY A 220 22.54 -4.97 0.53
N LEU A 221 21.67 -5.92 0.18
CA LEU A 221 22.00 -7.32 -0.09
C LEU A 221 22.12 -7.63 -1.60
N TYR A 222 21.51 -6.79 -2.45
CA TYR A 222 21.48 -6.98 -3.90
C TYR A 222 22.20 -5.86 -4.67
N ARG A 223 22.54 -6.12 -5.97
CA ARG A 223 23.24 -5.19 -6.88
C ARG A 223 22.48 -3.86 -7.04
N SER A 224 23.21 -2.74 -6.95
CA SER A 224 22.68 -1.37 -7.02
C SER A 224 22.01 -1.00 -8.35
N LYS A 225 22.63 -1.33 -9.50
CA LYS A 225 22.09 -0.97 -10.81
C LYS A 225 21.07 -1.98 -11.36
N SER A 226 21.14 -3.25 -10.91
CA SER A 226 20.22 -4.31 -11.33
C SER A 226 18.84 -4.11 -10.66
N THR A 227 18.82 -3.76 -9.36
CA THR A 227 17.60 -3.52 -8.60
C THR A 227 16.91 -2.23 -9.00
N ARG A 228 17.69 -1.17 -9.31
CA ARG A 228 17.20 0.14 -9.75
C ARG A 228 16.33 0.02 -11.01
N ALA A 229 16.73 -0.83 -11.96
CA ALA A 229 16.00 -1.10 -13.20
C ALA A 229 14.78 -1.97 -12.92
N TYR A 230 14.90 -2.93 -11.97
CA TYR A 230 13.84 -3.86 -11.56
C TYR A 230 12.71 -3.09 -10.85
N LEU A 231 13.08 -2.15 -9.94
CA LEU A 231 12.14 -1.32 -9.18
C LEU A 231 11.42 -0.32 -10.09
N LYS A 232 12.11 0.21 -11.12
CA LYS A 232 11.59 1.15 -12.10
C LYS A 232 10.46 0.51 -12.91
N ALA A 233 10.67 -0.74 -13.38
CA ALA A 233 9.69 -1.52 -14.15
C ALA A 233 8.51 -1.92 -13.28
N LEU A 234 8.75 -2.14 -11.97
CA LEU A 234 7.71 -2.49 -11.00
C LEU A 234 6.84 -1.26 -10.67
N ALA A 235 7.48 -0.11 -10.35
CA ALA A 235 6.79 1.14 -10.04
C ALA A 235 5.89 1.63 -11.19
N ALA A 236 6.34 1.41 -12.46
CA ALA A 236 5.59 1.77 -13.66
C ALA A 236 4.34 0.91 -13.83
N THR A 237 4.43 -0.39 -13.48
CA THR A 237 3.33 -1.36 -13.53
C THR A 237 2.29 -1.03 -12.45
N GLN A 238 2.76 -0.67 -11.23
CA GLN A 238 1.94 -0.30 -10.07
C GLN A 238 1.15 0.99 -10.38
N GLU A 239 1.80 1.97 -11.03
CA GLU A 239 1.23 3.25 -11.44
C GLU A 239 0.08 3.06 -12.45
N GLU A 240 0.26 2.12 -13.40
CA GLU A 240 -0.73 1.80 -14.44
C GLU A 240 -1.95 1.07 -13.89
N LEU A 241 -1.74 -0.03 -13.16
CA LEU A 241 -2.83 -0.81 -12.57
C LEU A 241 -3.55 -0.06 -11.44
N GLY A 242 -2.82 0.82 -10.75
CA GLY A 242 -3.33 1.67 -9.68
C GLY A 242 -4.25 2.76 -10.19
N ARG A 243 -3.96 3.29 -11.40
CA ARG A 243 -4.74 4.32 -12.09
C ARG A 243 -6.16 3.81 -12.36
N HIS A 244 -6.29 2.58 -12.91
CA HIS A 244 -7.56 1.94 -13.20
C HIS A 244 -8.29 1.54 -11.92
N ASN A 245 -7.51 1.20 -10.86
CA ASN A 245 -8.02 0.82 -9.55
C ASN A 245 -8.68 2.01 -8.85
N ASP A 246 -8.09 3.21 -8.97
CA ASP A 246 -8.62 4.44 -8.38
C ASP A 246 -10.00 4.78 -8.95
N LEU A 247 -10.18 4.51 -10.27
CA LEU A 247 -11.43 4.72 -11.01
C LEU A 247 -12.56 3.80 -10.50
N VAL A 248 -12.26 2.50 -10.26
CA VAL A 248 -13.23 1.52 -9.78
C VAL A 248 -13.57 1.75 -8.28
N VAL A 249 -12.61 2.27 -7.48
CA VAL A 249 -12.81 2.57 -6.06
C VAL A 249 -13.75 3.78 -5.96
N ALA A 250 -13.52 4.80 -6.83
CA ALA A 250 -14.32 6.02 -6.95
C ALA A 250 -15.80 5.71 -7.21
N GLY A 251 -16.07 4.77 -8.13
CA GLY A 251 -17.41 4.32 -8.48
C GLY A 251 -18.12 3.64 -7.32
N ARG A 252 -17.35 2.87 -6.51
CA ARG A 252 -17.84 2.16 -5.33
C ARG A 252 -18.15 3.17 -4.21
N LEU A 253 -17.25 4.13 -3.97
CA LEU A 253 -17.40 5.18 -2.93
C LEU A 253 -18.57 6.11 -3.21
N LEU A 254 -18.75 6.52 -4.48
CA LEU A 254 -19.83 7.43 -4.89
C LEU A 254 -21.20 6.75 -4.82
N GLN A 255 -21.30 5.46 -5.23
CA GLN A 255 -22.53 4.67 -5.16
C GLN A 255 -23.00 4.52 -3.70
N GLU A 256 -22.04 4.37 -2.76
CA GLU A 256 -22.29 4.29 -1.32
C GLU A 256 -22.77 5.65 -0.80
N LEU A 257 -22.19 6.75 -1.34
CA LEU A 257 -22.54 8.14 -1.01
C LEU A 257 -23.95 8.48 -1.53
N ALA A 258 -24.34 7.90 -2.68
CA ALA A 258 -25.66 8.10 -3.30
C ALA A 258 -26.79 7.53 -2.43
N GLN A 259 -26.54 6.37 -1.79
CA GLN A 259 -27.50 5.70 -0.91
C GLN A 259 -27.68 6.44 0.41
N GLN A 260 -26.58 6.95 0.99
CA GLN A 260 -26.60 7.69 2.27
C GLN A 260 -27.06 9.14 2.09
N GLN A 261 -26.66 9.79 0.97
CA GLN A 261 -27.03 11.17 0.65
C GLN A 261 -27.86 11.17 -0.65
N PRO A 262 -29.20 10.97 -0.58
CA PRO A 262 -30.01 10.94 -1.81
C PRO A 262 -30.22 12.30 -2.47
N GLN A 263 -29.85 13.40 -1.77
CA GLN A 263 -29.97 14.79 -2.22
C GLN A 263 -29.02 15.14 -3.38
N ALA A 264 -27.79 14.61 -3.36
CA ALA A 264 -26.77 14.87 -4.39
C ALA A 264 -26.64 13.74 -5.43
N ALA A 265 -27.59 12.78 -5.43
CA ALA A 265 -27.64 11.60 -6.32
C ALA A 265 -27.47 11.93 -7.82
N GLU A 266 -28.01 13.06 -8.29
CA GLU A 266 -27.91 13.52 -9.68
C GLU A 266 -26.46 13.84 -10.05
N ALA A 267 -25.75 14.55 -9.14
CA ALA A 267 -24.34 14.91 -9.29
C ALA A 267 -23.45 13.67 -9.19
N VAL A 268 -23.83 12.71 -8.31
CA VAL A 268 -23.14 11.44 -8.09
C VAL A 268 -23.18 10.59 -9.36
N GLN A 269 -24.40 10.37 -9.91
CA GLN A 269 -24.62 9.59 -11.13
C GLN A 269 -23.88 10.15 -12.35
N PHE A 270 -23.72 11.49 -12.41
CA PHE A 270 -22.98 12.17 -13.47
C PHE A 270 -21.49 11.81 -13.38
N ALA A 271 -20.93 11.85 -12.16
CA ALA A 271 -19.54 11.52 -11.86
C ALA A 271 -19.30 10.03 -12.10
N ARG A 272 -20.26 9.17 -11.67
CA ARG A 272 -20.20 7.71 -11.83
C ARG A 272 -20.24 7.30 -13.30
N GLY A 273 -21.05 8.00 -14.09
CA GLY A 273 -21.17 7.78 -15.52
C GLY A 273 -19.88 8.10 -16.24
N TYR A 274 -19.25 9.23 -15.86
CA TYR A 274 -17.97 9.73 -16.40
C TYR A 274 -16.83 8.77 -16.09
N LEU A 275 -16.78 8.26 -14.84
CA LEU A 275 -15.73 7.36 -14.37
C LEU A 275 -15.87 5.94 -14.94
N LEU A 276 -17.12 5.45 -15.13
CA LEU A 276 -17.39 4.13 -15.70
C LEU A 276 -16.93 4.08 -17.16
N ALA A 277 -17.08 5.21 -17.88
CA ALA A 277 -16.65 5.35 -19.27
C ALA A 277 -15.12 5.38 -19.35
N GLN A 278 -14.45 6.06 -18.40
CA GLN A 278 -12.99 6.15 -18.31
C GLN A 278 -12.36 4.76 -18.07
N GLN A 279 -13.10 3.86 -17.38
CA GLN A 279 -12.70 2.48 -17.12
C GLN A 279 -12.72 1.65 -18.40
N ALA A 280 -13.69 1.94 -19.30
CA ALA A 280 -13.87 1.24 -20.58
C ALA A 280 -13.01 1.82 -21.71
N MET A 281 -12.88 3.17 -21.76
CA MET A 281 -12.11 3.87 -22.79
C MET A 281 -10.61 3.77 -22.51
N ARG A 282 -10.22 3.92 -21.23
CA ARG A 282 -8.81 3.83 -20.80
C ARG A 282 -8.63 2.68 -19.79
N PRO A 283 -8.67 1.38 -20.22
CA PRO A 283 -8.46 0.30 -19.25
C PRO A 283 -6.97 0.10 -18.97
N ALA A 284 -6.63 -0.74 -17.97
CA ALA A 284 -5.23 -1.03 -17.62
C ALA A 284 -4.56 -1.66 -18.83
N ASP A 285 -3.63 -0.91 -19.47
CA ASP A 285 -2.93 -1.36 -20.67
C ASP A 285 -2.01 -2.55 -20.36
N LEU A 286 -2.60 -3.76 -20.45
CA LEU A 286 -1.92 -5.02 -20.17
C LEU A 286 -0.76 -5.28 -21.12
N ASP A 287 -0.91 -4.88 -22.41
CA ASP A 287 0.14 -5.03 -23.44
C ASP A 287 1.42 -4.26 -23.08
N ALA A 288 1.28 -3.04 -22.53
CA ALA A 288 2.39 -2.20 -22.09
C ALA A 288 3.01 -2.79 -20.81
N ILE A 289 2.18 -3.39 -19.93
CA ILE A 289 2.58 -4.04 -18.68
C ILE A 289 3.41 -5.29 -19.00
N ARG A 290 2.90 -6.15 -19.91
CA ARG A 290 3.54 -7.39 -20.37
C ARG A 290 4.91 -7.09 -20.99
N ALA A 291 5.01 -6.04 -21.82
CA ALA A 291 6.25 -5.60 -22.47
C ALA A 291 7.26 -5.01 -21.47
N GLY A 292 6.74 -4.46 -20.37
CA GLY A 292 7.56 -3.88 -19.30
C GLY A 292 8.14 -4.90 -18.35
N LEU A 293 7.49 -6.08 -18.24
CA LEU A 293 7.91 -7.17 -17.35
C LEU A 293 8.49 -8.42 -18.05
N HIS A 294 8.38 -8.52 -19.39
CA HIS A 294 8.87 -9.67 -20.16
C HIS A 294 10.39 -9.87 -20.11
N ALA A 295 11.15 -8.76 -19.95
CA ALA A 295 12.62 -8.78 -19.92
C ALA A 295 13.21 -8.95 -18.52
N LEU A 296 12.41 -8.66 -17.46
CA LEU A 296 12.85 -8.73 -16.07
C LEU A 296 13.36 -10.09 -15.61
N ARG A 297 14.54 -10.06 -14.99
CA ARG A 297 15.22 -11.22 -14.41
C ARG A 297 15.34 -10.96 -12.92
N ALA A 298 15.23 -12.01 -12.09
CA ALA A 298 15.31 -11.94 -10.63
C ALA A 298 16.60 -11.23 -10.17
N PRO A 299 16.50 -10.22 -9.27
CA PRO A 299 17.73 -9.53 -8.83
C PRO A 299 18.66 -10.48 -8.08
N GLN A 300 19.95 -10.45 -8.45
CA GLN A 300 20.98 -11.32 -7.88
C GLN A 300 21.69 -10.67 -6.68
N LEU A 301 22.07 -11.50 -5.69
CA LEU A 301 22.76 -11.07 -4.47
C LEU A 301 24.19 -10.60 -4.76
N ARG A 302 24.69 -9.67 -3.94
CA ARG A 302 26.04 -9.14 -4.05
C ARG A 302 26.66 -8.93 -2.66
#